data_4TWL
#
_entry.id   4TWL
#
_cell.length_a   83.505
_cell.length_b   157.103
_cell.length_c   83.485
_cell.angle_alpha   90.00
_cell.angle_beta   90.00
_cell.angle_gamma   90.00
#
_symmetry.space_group_name_H-M   'C 2 2 21'
#
loop_
_entity.id
_entity.type
_entity.pdbx_description
1 polymer 'Dioscorin 5'
2 non-polymer 'SULFATE ION'
3 non-polymer 'ASCORBIC ACID'
4 water water
#
_entity_poly.entity_id   1
_entity_poly.type   'polypeptide(L)'
_entity_poly.pdbx_seq_one_letter_code
;VEDEFSYIDGNPNGPENWGNLKPEWETCGKGMEQSPIQLRDNRVIFDQTLGKLRRNYRAVDARLRNSGHDVLVDFKGNAG
SLSINRVEYQLKRIHFHSPSEHEMNGERFDLEAQLVHESQDQKRAVVSILFRFGRADPFLSDLEDFIKQFSNSQKNEINA
GVVDPNQLQIDDSAYYRYMGSFTAPPCTEGISWTVMRKVATVSPRQVLLLKQAVNENAINNARPLQPTNFRSVFYFEQLK
SKLGVI
;
_entity_poly.pdbx_strand_id   A,B
#
# COMPACT_ATOMS: atom_id res chain seq x y z
N ASP A 3 -24.79 -3.80 -10.13
CA ASP A 3 -23.50 -3.16 -9.75
C ASP A 3 -22.51 -3.98 -8.83
N GLU A 4 -22.65 -5.31 -8.74
CA GLU A 4 -21.61 -6.12 -8.09
C GLU A 4 -20.43 -6.28 -9.01
N PHE A 5 -19.32 -5.63 -8.67
CA PHE A 5 -18.05 -5.99 -9.34
C PHE A 5 -16.99 -5.91 -8.31
N SER A 6 -15.91 -6.66 -8.51
CA SER A 6 -14.89 -6.77 -7.47
C SER A 6 -13.47 -6.45 -8.06
N TYR A 7 -12.53 -6.05 -7.21
CA TYR A 7 -11.13 -5.85 -7.59
C TYR A 7 -10.25 -7.02 -7.20
N ILE A 8 -10.87 -8.16 -6.83
CA ILE A 8 -10.13 -9.36 -6.41
C ILE A 8 -9.84 -10.24 -7.60
N ASP A 9 -8.57 -10.27 -8.01
CA ASP A 9 -8.08 -11.04 -9.16
C ASP A 9 -8.41 -12.47 -8.88
N GLY A 10 -8.84 -13.20 -9.87
CA GLY A 10 -9.17 -14.59 -9.61
C GLY A 10 -10.60 -14.83 -9.21
N ASN A 11 -11.26 -13.86 -8.57
CA ASN A 11 -12.68 -14.05 -8.25
C ASN A 11 -13.57 -13.95 -9.46
N PRO A 12 -14.76 -14.60 -9.42
CA PRO A 12 -15.71 -14.64 -10.55
C PRO A 12 -16.14 -13.25 -11.08
N ASN A 13 -16.26 -12.29 -10.17
CA ASN A 13 -16.63 -10.89 -10.41
C ASN A 13 -15.40 -9.91 -10.53
N GLY A 14 -14.21 -10.46 -10.67
CA GLY A 14 -12.99 -9.66 -10.56
C GLY A 14 -12.65 -9.10 -11.93
N PRO A 15 -11.57 -8.26 -12.00
CA PRO A 15 -11.40 -7.35 -13.12
C PRO A 15 -11.28 -8.03 -14.43
N GLU A 16 -10.61 -9.16 -14.48
CA GLU A 16 -10.54 -9.97 -15.71
C GLU A 16 -11.92 -10.44 -16.24
N ASN A 17 -12.91 -10.54 -15.35
CA ASN A 17 -14.26 -11.03 -15.71
C ASN A 17 -15.34 -9.96 -15.86
N TRP A 18 -15.02 -8.71 -15.53
CA TRP A 18 -16.00 -7.61 -15.57
C TRP A 18 -16.83 -7.67 -16.78
N GLY A 19 -16.18 -7.81 -17.91
CA GLY A 19 -16.84 -7.71 -19.17
C GLY A 19 -17.80 -8.89 -19.47
N ASN A 20 -17.74 -9.99 -18.72
CA ASN A 20 -18.70 -11.09 -18.88
C ASN A 20 -19.78 -11.05 -17.83
N LEU A 21 -19.76 -10.07 -16.91
CA LEU A 21 -20.77 -10.07 -15.86
C LEU A 21 -22.20 -9.70 -16.33
N LYS A 22 -22.35 -8.78 -17.27
CA LYS A 22 -23.66 -8.41 -17.71
C LYS A 22 -23.40 -7.68 -18.98
N PRO A 23 -24.35 -7.71 -19.94
CA PRO A 23 -24.21 -7.14 -21.26
C PRO A 23 -23.82 -5.71 -21.27
N GLU A 24 -24.28 -4.93 -20.28
CA GLU A 24 -23.97 -3.52 -20.24
C GLU A 24 -22.43 -3.23 -20.01
N TRP A 25 -21.67 -4.25 -19.65
CA TRP A 25 -20.29 -4.10 -19.19
C TRP A 25 -19.31 -4.71 -20.19
N GLU A 26 -19.82 -5.03 -21.38
CA GLU A 26 -19.05 -5.78 -22.36
C GLU A 26 -17.77 -5.07 -22.85
N THR A 27 -17.82 -3.76 -23.01
CA THR A 27 -16.65 -3.02 -23.50
C THR A 27 -15.43 -3.21 -22.53
N CYS A 28 -15.72 -3.49 -21.26
CA CYS A 28 -14.67 -3.72 -20.30
C CYS A 28 -13.79 -4.86 -20.80
N GLY A 29 -14.42 -5.89 -21.37
CA GLY A 29 -13.70 -7.02 -21.90
C GLY A 29 -13.31 -6.85 -23.35
N LYS A 30 -14.09 -6.16 -24.17
CA LYS A 30 -13.77 -6.18 -25.59
C LYS A 30 -13.18 -4.89 -26.11
N GLY A 31 -13.29 -3.78 -25.39
CA GLY A 31 -12.81 -2.50 -25.97
C GLY A 31 -11.29 -2.56 -26.13
N MET A 32 -10.77 -1.76 -27.04
CA MET A 32 -9.35 -1.73 -27.27
C MET A 32 -8.69 -0.42 -26.90
N GLU A 33 -9.47 0.52 -26.32
CA GLU A 33 -8.89 1.76 -25.73
C GLU A 33 -9.25 1.90 -24.28
N GLN A 34 -8.95 0.86 -23.54
CA GLN A 34 -9.33 0.82 -22.15
C GLN A 34 -8.26 1.58 -21.30
N SER A 35 -8.69 2.11 -20.15
CA SER A 35 -7.79 2.69 -19.14
C SER A 35 -7.85 1.87 -17.86
N PRO A 36 -6.84 1.96 -16.98
CA PRO A 36 -5.62 2.76 -17.11
C PRO A 36 -4.55 2.06 -18.00
N ILE A 37 -3.53 2.85 -18.40
CA ILE A 37 -2.36 2.32 -19.11
C ILE A 37 -1.08 2.74 -18.40
N GLN A 38 0.02 2.16 -18.91
CA GLN A 38 1.35 2.48 -18.55
C GLN A 38 1.69 3.77 -19.24
N LEU A 39 2.23 4.74 -18.53
CA LEU A 39 2.72 5.95 -19.22
C LEU A 39 4.26 5.92 -19.26
N ARG A 40 4.84 5.89 -20.45
CA ARG A 40 6.29 5.75 -20.64
C ARG A 40 6.85 6.89 -21.36
N ASP A 41 7.73 7.63 -20.75
CA ASP A 41 8.37 8.78 -21.36
C ASP A 41 9.01 8.38 -22.71
N ASN A 42 9.59 7.21 -22.84
CA ASN A 42 10.24 6.86 -24.09
C ASN A 42 9.30 6.48 -25.26
N ARG A 43 7.95 6.62 -25.08
CA ARG A 43 7.00 6.36 -26.15
C ARG A 43 6.02 7.55 -26.43
N VAL A 44 6.22 8.66 -25.76
CA VAL A 44 5.33 9.80 -25.82
C VAL A 44 5.59 10.54 -27.15
N ILE A 45 4.55 11.16 -27.68
CA ILE A 45 4.66 12.13 -28.77
C ILE A 45 4.63 13.50 -28.11
N PHE A 46 5.68 14.31 -28.33
CA PHE A 46 5.69 15.70 -27.72
C PHE A 46 4.75 16.63 -28.48
N ASP A 47 3.98 17.45 -27.78
CA ASP A 47 3.12 18.39 -28.48
C ASP A 47 3.09 19.67 -27.68
N GLN A 48 4.05 20.56 -28.00
CA GLN A 48 4.22 21.88 -27.37
C GLN A 48 2.94 22.71 -27.52
N THR A 49 2.22 22.41 -28.59
CA THR A 49 0.95 23.04 -28.92
C THR A 49 -0.21 22.80 -27.93
N LEU A 50 -0.11 21.82 -27.04
CA LEU A 50 -1.20 21.59 -26.09
C LEU A 50 -1.35 22.68 -25.05
N GLY A 51 -0.24 23.24 -24.62
CA GLY A 51 -0.21 24.33 -23.68
C GLY A 51 -0.34 23.89 -22.24
N LYS A 52 0.00 24.79 -21.30
CA LYS A 52 -0.39 24.58 -19.88
C LYS A 52 -1.85 24.20 -19.75
N LEU A 53 -2.15 23.30 -18.84
CA LEU A 53 -3.51 22.87 -18.60
C LEU A 53 -4.35 24.11 -18.22
N ARG A 54 -5.51 24.30 -18.87
CA ARG A 54 -6.35 25.52 -18.71
C ARG A 54 -7.57 25.21 -17.84
N ARG A 55 -7.48 25.51 -16.58
CA ARG A 55 -8.59 25.24 -15.68
C ARG A 55 -9.20 26.55 -15.13
N ASN A 56 -10.50 26.56 -14.92
CA ASN A 56 -11.12 27.61 -14.10
C ASN A 56 -12.14 27.04 -13.09
N TYR A 57 -11.67 26.60 -11.93
CA TYR A 57 -12.53 25.80 -11.08
C TYR A 57 -13.10 26.74 -10.04
N ARG A 58 -14.24 26.37 -9.47
CA ARG A 58 -14.93 27.15 -8.43
C ARG A 58 -15.30 26.29 -7.21
N ALA A 59 -15.00 26.83 -6.04
CA ALA A 59 -15.47 26.32 -4.74
C ALA A 59 -16.99 26.27 -4.75
N VAL A 60 -17.55 25.19 -4.26
CA VAL A 60 -18.97 24.97 -4.39
C VAL A 60 -19.37 23.91 -3.42
N ASP A 61 -20.66 23.95 -3.13
CA ASP A 61 -21.34 22.94 -2.36
C ASP A 61 -21.15 21.50 -2.87
N ALA A 62 -20.81 20.57 -1.99
CA ALA A 62 -20.62 19.18 -2.45
C ALA A 62 -21.12 18.11 -1.51
N ARG A 63 -21.39 16.96 -2.11
CA ARG A 63 -21.60 15.71 -1.38
C ARG A 63 -20.44 14.73 -1.58
N LEU A 64 -20.08 14.07 -0.49
CA LEU A 64 -19.22 12.92 -0.49
C LEU A 64 -20.08 11.71 -0.59
N ARG A 65 -19.74 10.80 -1.52
CA ARG A 65 -20.43 9.52 -1.65
C ARG A 65 -19.53 8.29 -1.57
N ASN A 66 -19.99 7.30 -0.82
CA ASN A 66 -19.37 6.01 -0.81
C ASN A 66 -20.17 5.06 -1.67
N SER A 67 -19.62 4.72 -2.85
CA SER A 67 -20.27 3.84 -3.81
C SER A 67 -20.15 2.41 -3.36
N GLY A 68 -19.39 2.13 -2.31
CA GLY A 68 -19.08 0.76 -1.97
C GLY A 68 -17.73 0.33 -2.55
N HIS A 69 -17.39 0.83 -3.73
CA HIS A 69 -16.08 0.50 -4.31
C HIS A 69 -15.09 1.68 -4.43
N ASP A 70 -15.57 2.88 -4.18
CA ASP A 70 -14.74 4.08 -4.08
C ASP A 70 -15.48 5.16 -3.30
N VAL A 71 -14.70 6.12 -2.86
CA VAL A 71 -15.19 7.32 -2.39
C VAL A 71 -14.96 8.37 -3.44
N LEU A 72 -16.01 9.15 -3.68
CA LEU A 72 -15.96 10.29 -4.54
C LEU A 72 -16.50 11.56 -3.95
N VAL A 73 -16.09 12.66 -4.54
CA VAL A 73 -16.68 13.96 -4.29
C VAL A 73 -17.64 14.21 -5.43
N ASP A 74 -18.87 14.60 -5.09
CA ASP A 74 -19.93 14.90 -6.07
C ASP A 74 -20.37 16.36 -5.88
N PHE A 75 -20.06 17.21 -6.84
CA PHE A 75 -20.34 18.65 -6.68
C PHE A 75 -21.82 18.99 -6.97
N LYS A 76 -22.44 19.83 -6.13
CA LYS A 76 -23.85 20.20 -6.34
C LYS A 76 -23.93 21.42 -7.23
N GLY A 77 -23.30 22.50 -6.85
CA GLY A 77 -23.20 23.65 -7.75
C GLY A 77 -22.26 23.47 -8.94
N ASN A 78 -22.12 24.53 -9.70
CA ASN A 78 -21.20 24.60 -10.82
C ASN A 78 -19.78 24.80 -10.26
N ALA A 79 -18.95 23.76 -10.39
CA ALA A 79 -17.59 23.78 -9.82
C ALA A 79 -16.53 24.31 -10.80
N GLY A 80 -16.98 24.95 -11.87
CA GLY A 80 -16.06 25.51 -12.85
C GLY A 80 -15.75 24.48 -13.92
N SER A 81 -14.68 24.68 -14.66
CA SER A 81 -14.59 23.95 -15.90
C SER A 81 -13.15 23.79 -16.32
N LEU A 82 -12.94 22.92 -17.31
CA LEU A 82 -11.62 22.65 -17.87
C LEU A 82 -11.76 22.98 -19.34
N SER A 83 -10.79 23.64 -19.89
CA SER A 83 -10.77 23.95 -21.29
C SER A 83 -9.73 23.15 -22.06
N ILE A 84 -10.18 22.40 -23.08
CA ILE A 84 -9.31 21.67 -24.03
C ILE A 84 -9.73 22.02 -25.46
N ASN A 85 -8.88 22.72 -26.21
CA ASN A 85 -9.19 23.09 -27.60
C ASN A 85 -10.39 24.06 -27.62
N ARG A 86 -10.41 24.96 -26.66
CA ARG A 86 -11.55 25.85 -26.45
C ARG A 86 -12.91 25.15 -26.21
N VAL A 87 -12.95 23.81 -26.23
CA VAL A 87 -14.12 23.09 -25.71
C VAL A 87 -14.08 23.12 -24.16
N GLU A 88 -15.23 23.31 -23.55
CA GLU A 88 -15.30 23.53 -22.13
C GLU A 88 -15.96 22.30 -21.48
N TYR A 89 -15.37 21.82 -20.42
CA TYR A 89 -15.85 20.59 -19.76
C TYR A 89 -16.10 20.95 -18.34
N GLN A 90 -17.31 20.77 -17.84
CA GLN A 90 -17.59 21.09 -16.44
C GLN A 90 -17.10 20.02 -15.51
N LEU A 91 -16.51 20.44 -14.41
CA LEU A 91 -16.14 19.52 -13.36
C LEU A 91 -17.32 18.99 -12.61
N LYS A 92 -17.55 17.68 -12.62
CA LYS A 92 -18.72 17.05 -11.96
C LYS A 92 -18.34 16.29 -10.70
N ARG A 93 -17.25 15.48 -10.74
CA ARG A 93 -16.97 14.52 -9.68
C ARG A 93 -15.45 14.32 -9.54
N ILE A 94 -15.03 13.82 -8.39
CA ILE A 94 -13.64 13.34 -8.17
C ILE A 94 -13.70 12.00 -7.48
N HIS A 95 -13.22 10.95 -8.16
CA HIS A 95 -13.03 9.63 -7.63
C HIS A 95 -11.64 9.36 -7.03
N PHE A 96 -11.58 8.54 -5.98
CA PHE A 96 -10.27 8.22 -5.35
C PHE A 96 -9.95 6.75 -5.46
N HIS A 97 -8.71 6.46 -5.86
CA HIS A 97 -8.29 5.08 -6.05
C HIS A 97 -7.00 4.90 -5.31
N SER A 98 -6.87 3.80 -4.54
CA SER A 98 -5.62 3.47 -3.91
C SER A 98 -5.45 1.99 -4.04
N PRO A 99 -4.29 1.52 -4.51
CA PRO A 99 -3.21 2.31 -5.06
C PRO A 99 -3.60 2.99 -6.40
N SER A 100 -2.65 3.64 -7.04
CA SER A 100 -2.92 4.27 -8.31
C SER A 100 -3.34 3.26 -9.34
N GLU A 101 -4.01 3.73 -10.40
CA GLU A 101 -4.39 2.88 -11.51
C GLU A 101 -3.37 3.11 -12.64
N HIS A 102 -3.09 4.35 -12.99
CA HIS A 102 -2.00 4.66 -13.92
C HIS A 102 -0.66 4.39 -13.27
N GLU A 103 0.28 3.99 -14.12
CA GLU A 103 1.72 3.95 -13.77
C GLU A 103 2.52 4.95 -14.61
N MET A 104 3.67 5.39 -14.10
CA MET A 104 4.56 6.28 -14.87
C MET A 104 5.90 5.63 -14.84
N ASN A 105 6.40 5.29 -16.02
CA ASN A 105 7.65 4.55 -16.16
C ASN A 105 7.72 3.32 -15.25
N GLY A 106 6.64 2.56 -15.15
CA GLY A 106 6.69 1.34 -14.29
C GLY A 106 6.43 1.60 -12.81
N GLU A 107 6.26 2.83 -12.36
CA GLU A 107 6.06 3.09 -10.93
C GLU A 107 4.50 3.22 -10.64
N ARG A 108 4.02 2.57 -9.61
CA ARG A 108 2.61 2.62 -9.17
C ARG A 108 2.67 3.52 -7.95
N PHE A 109 1.68 4.39 -7.83
CA PHE A 109 1.69 5.37 -6.76
C PHE A 109 0.71 4.99 -5.73
N ASP A 110 0.70 5.77 -4.67
CA ASP A 110 -0.09 5.40 -3.47
C ASP A 110 -1.55 5.81 -3.53
N LEU A 111 -1.84 6.82 -4.31
CA LEU A 111 -3.24 7.24 -4.52
C LEU A 111 -3.34 7.91 -5.88
N GLU A 112 -4.52 7.79 -6.48
CA GLU A 112 -4.85 8.58 -7.67
C GLU A 112 -6.23 9.24 -7.54
N ALA A 113 -6.30 10.52 -7.82
CA ALA A 113 -7.56 11.24 -7.81
C ALA A 113 -7.93 11.55 -9.25
N GLN A 114 -9.17 11.26 -9.62
CA GLN A 114 -9.65 11.43 -10.97
C GLN A 114 -10.83 12.43 -11.04
N LEU A 115 -10.57 13.56 -11.68
CA LEU A 115 -11.52 14.64 -11.81
C LEU A 115 -12.25 14.38 -13.09
N VAL A 116 -13.53 14.03 -12.97
CA VAL A 116 -14.33 13.73 -14.14
C VAL A 116 -15.06 14.99 -14.58
N HIS A 117 -14.94 15.33 -15.85
CA HIS A 117 -15.64 16.49 -16.41
C HIS A 117 -16.50 16.09 -17.62
N GLU A 118 -17.46 16.96 -17.98
CA GLU A 118 -18.46 16.68 -19.03
C GLU A 118 -18.75 17.98 -19.78
N SER A 119 -18.65 17.96 -21.10
CA SER A 119 -19.02 19.09 -21.93
C SER A 119 -20.55 19.14 -22.16
N GLN A 120 -21.00 20.24 -22.75
CA GLN A 120 -22.44 20.45 -22.98
C GLN A 120 -22.74 19.42 -24.04
N ASP A 121 -21.85 19.32 -25.01
CA ASP A 121 -21.89 18.21 -25.97
C ASP A 121 -21.83 16.80 -25.35
N GLN A 122 -21.64 16.70 -24.03
CA GLN A 122 -21.52 15.39 -23.32
C GLN A 122 -20.24 14.62 -23.66
N LYS A 123 -19.19 15.28 -24.12
CA LYS A 123 -17.91 14.61 -24.18
C LYS A 123 -17.28 14.64 -22.79
N ARG A 124 -16.46 13.65 -22.53
CA ARG A 124 -15.91 13.45 -21.23
C ARG A 124 -14.40 13.66 -21.21
N ALA A 125 -13.91 14.27 -20.15
CA ALA A 125 -12.47 14.40 -19.92
C ALA A 125 -12.19 14.21 -18.48
N VAL A 126 -11.13 13.46 -18.22
CA VAL A 126 -10.71 13.12 -16.88
C VAL A 126 -9.31 13.66 -16.72
N VAL A 127 -9.11 14.35 -15.62
CA VAL A 127 -7.79 14.80 -15.21
C VAL A 127 -7.46 13.99 -14.00
N SER A 128 -6.29 13.35 -14.08
CA SER A 128 -5.79 12.49 -13.02
C SER A 128 -4.55 13.11 -12.28
N ILE A 129 -4.57 13.00 -10.95
CA ILE A 129 -3.45 13.38 -10.11
C ILE A 129 -2.95 12.14 -9.38
N LEU A 130 -1.63 11.92 -9.42
CA LEU A 130 -0.93 10.79 -8.78
C LEU A 130 -0.21 11.25 -7.53
N PHE A 131 -0.30 10.46 -6.45
CA PHE A 131 0.25 10.86 -5.16
C PHE A 131 1.24 9.81 -4.62
N ARG A 132 2.29 10.27 -3.93
CA ARG A 132 3.10 9.43 -3.06
C ARG A 132 2.89 9.84 -1.60
N PHE A 133 3.05 8.91 -0.72
CA PHE A 133 3.02 9.19 0.70
C PHE A 133 4.05 10.29 1.06
N GLY A 134 3.62 11.25 1.87
CA GLY A 134 4.42 12.42 2.26
C GLY A 134 3.50 13.22 3.14
N ARG A 135 3.71 14.53 3.08
CA ARG A 135 2.80 15.56 3.65
C ARG A 135 1.32 15.44 3.20
N ALA A 136 0.45 15.68 4.18
CA ALA A 136 -0.99 15.62 3.93
C ALA A 136 -1.41 16.46 2.71
N ASP A 137 -2.41 15.98 2.00
CA ASP A 137 -3.03 16.72 0.91
C ASP A 137 -4.04 17.72 1.49
N PRO A 138 -3.89 19.00 1.18
CA PRO A 138 -4.79 20.03 1.73
C PRO A 138 -6.25 19.75 1.38
N PHE A 139 -6.50 19.29 0.15
CA PHE A 139 -7.85 18.94 -0.24
C PHE A 139 -8.52 17.88 0.63
N LEU A 140 -7.91 16.71 0.76
CA LEU A 140 -8.43 15.69 1.66
C LEU A 140 -8.48 16.12 3.14
N SER A 141 -7.57 17.00 3.61
CA SER A 141 -7.62 17.45 5.01
C SER A 141 -8.97 18.01 5.36
N ASP A 142 -9.53 18.79 4.44
CA ASP A 142 -10.79 19.47 4.68
C ASP A 142 -11.95 18.51 4.58
N LEU A 143 -11.69 17.27 4.18
CA LEU A 143 -12.73 16.29 4.10
C LEU A 143 -12.57 15.11 5.04
N GLU A 144 -11.51 15.07 5.82
CA GLU A 144 -11.24 13.88 6.61
C GLU A 144 -12.37 13.54 7.56
N ASP A 145 -12.97 14.54 8.18
CA ASP A 145 -13.92 14.20 9.22
C ASP A 145 -15.21 13.72 8.60
N PHE A 146 -15.49 14.18 7.38
CA PHE A 146 -16.64 13.65 6.65
C PHE A 146 -16.37 12.21 6.18
N ILE A 147 -15.13 11.94 5.75
CA ILE A 147 -14.77 10.63 5.23
C ILE A 147 -14.88 9.63 6.37
N LYS A 148 -14.36 9.96 7.53
CA LYS A 148 -14.49 9.14 8.75
C LYS A 148 -15.87 8.57 9.03
N GLN A 149 -16.89 9.38 8.76
CA GLN A 149 -18.31 9.06 9.05
C GLN A 149 -18.83 7.86 8.28
N PHE A 150 -18.23 7.56 7.13
CA PHE A 150 -18.56 6.31 6.42
C PHE A 150 -18.16 5.10 7.26
N SER A 151 -17.19 5.29 8.14
CA SER A 151 -16.65 4.22 8.93
C SER A 151 -17.25 4.14 10.33
N ASN A 152 -17.57 5.30 10.90
CA ASN A 152 -18.19 5.41 12.23
C ASN A 152 -19.70 5.45 12.15
N SER A 153 -20.28 5.15 10.98
CA SER A 153 -21.72 5.16 10.83
C SER A 153 -22.20 4.34 9.66
N GLN A 154 -23.52 4.35 9.56
CA GLN A 154 -24.32 3.57 8.62
C GLN A 154 -24.41 4.27 7.23
N LYS A 155 -24.08 5.56 7.19
CA LYS A 155 -24.38 6.43 6.04
C LYS A 155 -23.43 6.26 4.86
N ASN A 156 -23.97 6.54 3.69
CA ASN A 156 -23.29 6.40 2.37
C ASN A 156 -23.37 7.67 1.48
N GLU A 157 -23.95 8.74 2.01
CA GLU A 157 -23.73 10.08 1.49
C GLU A 157 -23.60 11.03 2.67
N ILE A 158 -22.93 12.14 2.45
CA ILE A 158 -22.69 13.11 3.48
C ILE A 158 -22.58 14.41 2.77
N ASN A 159 -23.17 15.47 3.33
CA ASN A 159 -22.99 16.79 2.72
C ASN A 159 -21.71 17.27 3.23
N ALA A 160 -20.87 17.74 2.33
CA ALA A 160 -19.54 18.12 2.74
C ALA A 160 -19.48 19.62 2.73
N GLY A 161 -20.60 20.26 2.45
CA GLY A 161 -20.68 21.70 2.37
C GLY A 161 -19.92 22.18 1.18
N VAL A 162 -19.18 23.26 1.38
CA VAL A 162 -18.48 23.86 0.28
C VAL A 162 -17.06 23.25 0.18
N VAL A 163 -16.81 22.70 -0.99
CA VAL A 163 -15.57 22.02 -1.28
C VAL A 163 -14.88 22.82 -2.36
N ASP A 164 -13.64 23.23 -2.08
CA ASP A 164 -12.80 23.97 -3.00
C ASP A 164 -11.80 23.10 -3.88
N PRO A 165 -12.07 22.93 -5.19
CA PRO A 165 -11.16 22.16 -6.07
C PRO A 165 -9.82 22.85 -6.31
N ASN A 166 -9.73 24.14 -6.04
CA ASN A 166 -8.45 24.83 -6.12
C ASN A 166 -7.55 24.48 -4.95
N GLN A 167 -8.00 23.71 -3.98
CA GLN A 167 -7.06 23.07 -3.05
C GLN A 167 -6.32 21.83 -3.68
N LEU A 168 -6.67 21.40 -4.89
CA LEU A 168 -6.07 20.17 -5.44
C LEU A 168 -4.61 20.40 -5.81
N GLN A 169 -3.73 19.41 -5.61
CA GLN A 169 -2.32 19.58 -6.01
C GLN A 169 -2.15 19.37 -7.52
N ILE A 170 -2.51 20.37 -8.31
CA ILE A 170 -2.41 20.26 -9.77
C ILE A 170 -1.34 21.23 -10.22
N ASP A 171 -0.28 20.74 -10.85
CA ASP A 171 0.71 21.57 -11.50
C ASP A 171 0.39 21.54 -12.96
N ASP A 172 -0.10 22.65 -13.50
CA ASP A 172 -0.58 22.69 -14.87
C ASP A 172 0.51 22.63 -15.98
N SER A 173 1.81 22.65 -15.62
CA SER A 173 2.90 22.83 -16.60
C SER A 173 3.33 21.57 -17.40
N ALA A 174 2.79 20.39 -17.08
CA ALA A 174 3.30 19.14 -17.70
C ALA A 174 2.29 17.99 -17.48
N TYR A 175 1.93 17.28 -18.56
CA TYR A 175 1.03 16.18 -18.44
C TYR A 175 1.10 15.33 -19.64
N TYR A 176 0.56 14.12 -19.41
CA TYR A 176 0.28 13.18 -20.46
C TYR A 176 -1.14 13.36 -20.93
N ARG A 177 -1.39 12.98 -22.19
CA ARG A 177 -2.71 13.09 -22.80
C ARG A 177 -2.90 11.94 -23.77
N TYR A 178 -4.03 11.23 -23.64
CA TYR A 178 -4.37 10.08 -24.48
C TYR A 178 -5.89 9.79 -24.40
N MET A 179 -6.35 8.93 -25.29
CA MET A 179 -7.76 8.54 -25.32
C MET A 179 -7.94 7.18 -24.66
N GLY A 180 -8.95 7.10 -23.77
CA GLY A 180 -9.13 5.94 -22.94
C GLY A 180 -10.58 5.68 -22.62
N SER A 181 -10.80 5.23 -21.39
CA SER A 181 -12.08 4.71 -20.91
C SER A 181 -12.27 5.00 -19.42
N PHE A 182 -13.48 4.86 -18.93
CA PHE A 182 -13.68 4.80 -17.53
C PHE A 182 -12.91 3.61 -17.03
N THR A 183 -12.49 3.65 -15.78
CA THR A 183 -11.70 2.57 -15.22
C THR A 183 -12.53 1.59 -14.35
N ALA A 184 -13.84 1.80 -14.33
CA ALA A 184 -14.77 0.85 -13.73
C ALA A 184 -15.96 0.64 -14.64
N PRO A 185 -16.74 -0.45 -14.42
CA PRO A 185 -17.82 -0.66 -15.37
C PRO A 185 -18.75 0.53 -15.40
N PRO A 186 -19.26 0.90 -16.55
CA PRO A 186 -19.26 0.15 -17.80
C PRO A 186 -18.05 0.31 -18.75
N CYS A 187 -17.00 0.94 -18.27
CA CYS A 187 -15.72 0.98 -19.03
C CYS A 187 -15.89 1.61 -20.37
N THR A 188 -16.80 2.59 -20.44
CA THR A 188 -17.05 3.27 -21.72
C THR A 188 -15.80 4.04 -22.23
N GLU A 189 -15.58 4.01 -23.55
CA GLU A 189 -14.47 4.62 -24.23
C GLU A 189 -14.83 6.04 -24.70
N GLY A 190 -14.02 6.66 -25.50
CA GLY A 190 -14.19 8.09 -25.84
C GLY A 190 -13.81 9.09 -24.75
N ILE A 191 -13.13 8.67 -23.69
CA ILE A 191 -12.77 9.58 -22.63
C ILE A 191 -11.34 10.16 -22.88
N SER A 192 -11.20 11.46 -22.86
CA SER A 192 -9.88 12.07 -22.97
C SER A 192 -9.31 12.04 -21.61
N TRP A 193 -8.11 11.46 -21.49
CA TRP A 193 -7.41 11.46 -20.23
C TRP A 193 -6.25 12.46 -20.27
N THR A 194 -6.09 13.20 -19.19
CA THR A 194 -4.93 14.03 -18.88
C THR A 194 -4.39 13.53 -17.55
N VAL A 195 -3.12 13.10 -17.51
CA VAL A 195 -2.51 12.66 -16.29
C VAL A 195 -1.34 13.58 -15.99
N MET A 196 -1.41 14.18 -14.81
CA MET A 196 -0.51 15.25 -14.48
C MET A 196 0.90 14.66 -14.22
N ARG A 197 1.94 15.27 -14.76
CA ARG A 197 3.32 14.76 -14.52
C ARG A 197 3.77 14.92 -13.11
N LYS A 198 3.46 16.05 -12.52
CA LYS A 198 3.92 16.33 -11.13
C LYS A 198 3.16 15.48 -10.10
N VAL A 199 3.89 14.76 -9.27
CA VAL A 199 3.32 13.83 -8.37
C VAL A 199 3.04 14.60 -7.10
N ALA A 200 1.85 14.43 -6.53
CA ALA A 200 1.44 15.14 -5.30
C ALA A 200 1.77 14.23 -4.11
N THR A 201 1.52 14.75 -2.88
CA THR A 201 1.60 14.02 -1.67
C THR A 201 0.27 13.92 -0.90
N VAL A 202 0.15 12.85 -0.16
CA VAL A 202 -1.02 12.52 0.65
C VAL A 202 -0.43 11.77 1.84
N SER A 203 -1.06 11.86 3.02
CA SER A 203 -0.54 11.16 4.16
C SER A 203 -1.13 9.76 4.23
N PRO A 204 -0.44 8.84 4.88
CA PRO A 204 -0.95 7.51 5.06
C PRO A 204 -2.29 7.46 5.78
N ARG A 205 -2.42 8.35 6.73
CA ARG A 205 -3.64 8.49 7.47
C ARG A 205 -4.83 8.75 6.51
N GLN A 206 -4.64 9.70 5.61
CA GLN A 206 -5.67 10.01 4.60
C GLN A 206 -6.07 8.88 3.71
N VAL A 207 -5.11 8.04 3.28
CA VAL A 207 -5.45 6.91 2.43
C VAL A 207 -6.17 5.87 3.28
N LEU A 208 -5.67 5.68 4.51
CA LEU A 208 -6.29 4.68 5.38
C LEU A 208 -7.80 5.03 5.58
N LEU A 209 -8.07 6.30 5.88
CA LEU A 209 -9.45 6.79 6.02
C LEU A 209 -10.22 6.39 4.79
N LEU A 210 -9.70 6.67 3.62
CA LEU A 210 -10.41 6.27 2.39
C LEU A 210 -10.67 4.79 2.29
N LYS A 211 -9.67 3.97 2.60
CA LYS A 211 -9.82 2.53 2.44
C LYS A 211 -10.80 1.95 3.47
N GLN A 212 -10.84 2.57 4.65
CA GLN A 212 -11.84 2.21 5.67
C GLN A 212 -13.27 2.32 5.21
N ALA A 213 -13.51 3.06 4.17
CA ALA A 213 -14.83 3.46 3.81
C ALA A 213 -15.52 2.44 2.94
N VAL A 214 -14.77 1.57 2.25
CA VAL A 214 -15.34 0.89 1.09
C VAL A 214 -15.59 -0.52 1.45
N ASN A 215 -16.21 -1.27 0.57
CA ASN A 215 -16.38 -2.70 0.76
C ASN A 215 -15.05 -3.39 0.76
N GLU A 216 -15.08 -4.59 1.28
CA GLU A 216 -13.91 -5.41 1.49
C GLU A 216 -13.26 -5.77 0.18
N ASN A 217 -14.07 -6.05 -0.84
CA ASN A 217 -13.51 -6.44 -2.13
C ASN A 217 -12.90 -5.25 -2.92
N ALA A 218 -12.92 -4.07 -2.32
CA ALA A 218 -12.50 -2.85 -2.96
C ALA A 218 -11.50 -2.08 -2.11
N ILE A 219 -10.98 -2.68 -1.05
CA ILE A 219 -9.96 -2.02 -0.22
C ILE A 219 -8.76 -1.55 -1.06
N ASN A 220 -8.30 -2.40 -1.96
CA ASN A 220 -7.53 -1.91 -3.09
C ASN A 220 -8.45 -1.81 -4.28
N ASN A 221 -8.62 -0.62 -4.84
CA ASN A 221 -9.61 -0.38 -5.92
C ASN A 221 -9.00 0.21 -7.19
N ALA A 222 -7.86 -0.36 -7.60
CA ALA A 222 -7.25 0.00 -8.84
C ALA A 222 -7.54 -1.10 -9.84
N ARG A 223 -8.03 -0.73 -10.99
CA ARG A 223 -8.09 -1.64 -12.10
C ARG A 223 -6.65 -1.97 -12.60
N PRO A 224 -6.36 -3.25 -12.90
CA PRO A 224 -5.09 -3.57 -13.53
C PRO A 224 -4.88 -2.81 -14.84
N LEU A 225 -3.61 -2.59 -15.16
CA LEU A 225 -3.20 -1.89 -16.36
C LEU A 225 -3.72 -2.64 -17.57
N GLN A 226 -4.20 -1.93 -18.56
CA GLN A 226 -4.80 -2.49 -19.74
C GLN A 226 -3.84 -2.30 -20.91
N PRO A 227 -4.00 -3.10 -21.99
CA PRO A 227 -3.05 -2.96 -23.07
C PRO A 227 -3.20 -1.61 -23.79
N THR A 228 -2.07 -0.99 -24.08
CA THR A 228 -2.00 0.24 -24.82
C THR A 228 -2.51 0.06 -26.19
N ASN A 229 -2.24 -1.11 -26.81
CA ASN A 229 -2.68 -1.33 -28.17
C ASN A 229 -2.30 -0.28 -29.21
N PHE A 230 -1.07 0.23 -29.13
CA PHE A 230 -0.55 1.10 -30.15
C PHE A 230 -1.18 2.48 -30.21
N ARG A 231 -2.08 2.82 -29.27
CA ARG A 231 -2.74 4.12 -29.31
C ARG A 231 -1.64 5.15 -28.96
N SER A 232 -1.83 6.37 -29.38
CA SER A 232 -0.82 7.40 -29.10
C SER A 232 -0.98 7.96 -27.70
N VAL A 233 0.16 8.34 -27.14
CA VAL A 233 0.20 9.07 -25.87
C VAL A 233 0.98 10.37 -26.09
N PHE A 234 0.31 11.50 -25.89
CA PHE A 234 0.93 12.81 -26.03
C PHE A 234 1.48 13.29 -24.74
N TYR A 235 2.42 14.22 -24.83
CA TYR A 235 3.04 14.76 -23.62
C TYR A 235 3.31 16.20 -23.87
N PHE A 236 2.97 17.01 -22.88
CA PHE A 236 3.28 18.47 -22.87
C PHE A 236 4.11 18.75 -21.65
N GLU A 237 5.09 19.63 -21.80
CA GLU A 237 5.87 20.12 -20.69
C GLU A 237 6.40 21.51 -21.06
N GLN A 238 6.14 22.46 -20.17
CA GLN A 238 6.47 23.86 -20.39
C GLN A 238 7.91 24.01 -20.02
N LEU A 239 8.69 24.59 -20.89
CA LEU A 239 10.11 24.78 -20.63
C LEU A 239 10.24 26.13 -19.90
N LYS A 240 11.30 26.31 -19.12
CA LYS A 240 11.66 27.64 -18.66
C LYS A 240 11.86 28.60 -19.85
N SER A 241 12.24 28.06 -21.01
CA SER A 241 12.20 28.74 -22.31
C SER A 241 13.62 28.83 -22.82
N GLU B 4 7.18 7.49 21.48
CA GLU B 4 8.69 7.59 21.50
C GLU B 4 9.39 7.69 20.13
N PHE B 5 8.91 6.95 19.12
CA PHE B 5 9.55 6.94 17.78
C PHE B 5 8.56 6.88 16.59
N SER B 6 8.99 7.41 15.45
CA SER B 6 8.13 7.57 14.29
C SER B 6 8.70 6.92 13.03
N TYR B 7 7.82 6.59 12.09
CA TYR B 7 8.21 6.07 10.76
C TYR B 7 8.04 7.10 9.70
N ILE B 8 7.64 8.30 10.10
CA ILE B 8 7.56 9.37 9.12
C ILE B 8 8.91 10.02 8.85
N ASP B 9 9.38 9.91 7.62
CA ASP B 9 10.67 10.45 7.19
C ASP B 9 10.50 11.93 7.23
N GLY B 10 11.58 12.63 7.55
CA GLY B 10 11.56 14.09 7.65
C GLY B 10 11.12 14.66 8.98
N ASN B 11 10.74 13.81 9.93
CA ASN B 11 10.29 14.31 11.24
C ASN B 11 11.43 14.15 12.27
N PRO B 12 11.39 14.95 13.37
CA PRO B 12 12.44 14.77 14.41
C PRO B 12 12.60 13.32 14.86
N ASN B 13 11.51 12.62 15.16
CA ASN B 13 11.56 11.21 15.60
C ASN B 13 11.58 10.13 14.50
N GLY B 14 11.82 10.54 13.26
CA GLY B 14 11.74 9.65 12.11
C GLY B 14 12.91 8.68 11.99
N PRO B 15 12.77 7.68 11.11
CA PRO B 15 13.76 6.60 11.06
C PRO B 15 15.21 7.07 11.00
N GLU B 16 15.48 8.04 10.15
CA GLU B 16 16.82 8.49 9.92
C GLU B 16 17.48 9.20 11.13
N ASN B 17 16.73 9.39 12.24
CA ASN B 17 17.23 10.02 13.49
C ASN B 17 17.14 9.19 14.73
N TRP B 18 16.61 7.97 14.61
CA TRP B 18 16.38 7.16 15.77
C TRP B 18 17.62 7.07 16.70
N GLY B 19 18.81 7.00 16.09
CA GLY B 19 20.05 6.86 16.86
C GLY B 19 20.37 8.06 17.75
N ASN B 20 19.98 9.26 17.29
CA ASN B 20 20.09 10.54 18.03
C ASN B 20 19.14 10.66 19.22
N LEU B 21 17.94 10.10 19.09
CA LEU B 21 16.88 10.25 20.09
C LEU B 21 17.20 9.84 21.56
N LYS B 22 18.34 9.17 21.77
CA LYS B 22 18.66 8.55 23.04
C LYS B 22 20.04 7.95 22.94
N PRO B 23 20.73 7.86 24.08
CA PRO B 23 21.94 7.06 24.09
C PRO B 23 21.66 5.55 23.86
N GLU B 24 20.58 5.04 24.45
CA GLU B 24 20.21 3.61 24.44
C GLU B 24 19.87 3.04 23.02
N TRP B 25 19.87 3.94 22.03
CA TRP B 25 19.31 3.72 20.70
C TRP B 25 20.32 4.04 19.62
N GLU B 26 21.58 4.28 19.95
CA GLU B 26 22.50 4.77 18.91
C GLU B 26 23.06 3.69 17.94
N THR B 27 22.93 2.40 18.28
CA THR B 27 23.25 1.29 17.30
C THR B 27 22.34 1.49 16.05
N CYS B 28 21.09 1.97 16.26
CA CYS B 28 20.22 2.32 15.14
C CYS B 28 20.96 3.19 14.15
N GLY B 29 21.77 4.10 14.63
CA GLY B 29 22.38 5.12 13.76
C GLY B 29 23.80 4.75 13.37
N LYS B 30 24.51 4.03 14.21
CA LYS B 30 25.88 3.72 13.82
C LYS B 30 26.16 2.24 13.58
N GLY B 31 25.25 1.35 13.94
CA GLY B 31 25.40 -0.03 13.53
C GLY B 31 25.75 -0.13 12.04
N MET B 32 26.62 -1.08 11.68
CA MET B 32 26.87 -1.44 10.27
C MET B 32 26.19 -2.78 9.87
N GLU B 33 25.48 -3.40 10.82
CA GLU B 33 24.79 -4.67 10.59
C GLU B 33 23.31 -4.53 10.90
N GLN B 34 22.74 -3.48 10.32
CA GLN B 34 21.34 -3.11 10.56
C GLN B 34 20.42 -3.77 9.56
N SER B 35 19.19 -4.02 10.01
CA SER B 35 18.11 -4.61 9.24
C SER B 35 16.94 -3.64 9.16
N PRO B 36 16.12 -3.63 8.07
CA PRO B 36 16.14 -4.58 6.95
C PRO B 36 17.17 -4.26 5.89
N ILE B 37 17.39 -5.21 4.98
CA ILE B 37 18.26 -5.06 3.79
C ILE B 37 17.56 -5.54 2.50
N GLN B 38 18.12 -5.11 1.39
CA GLN B 38 17.82 -5.60 0.06
C GLN B 38 18.29 -7.00 -0.03
N LEU B 39 17.44 -7.88 -0.50
CA LEU B 39 17.83 -9.23 -0.82
C LEU B 39 17.92 -9.38 -2.35
N ARG B 40 19.15 -9.24 -2.85
CA ARG B 40 19.45 -9.16 -4.28
C ARG B 40 20.09 -10.45 -4.74
N ASP B 41 19.34 -11.25 -5.46
CA ASP B 41 19.79 -12.56 -5.89
C ASP B 41 21.16 -12.55 -6.61
N ASN B 42 21.41 -11.61 -7.50
CA ASN B 42 22.69 -11.49 -8.17
C ASN B 42 23.86 -11.40 -7.15
N ARG B 43 23.59 -11.11 -5.88
CA ARG B 43 24.68 -10.86 -4.88
C ARG B 43 24.76 -11.91 -3.83
N VAL B 44 23.83 -12.85 -3.83
CA VAL B 44 23.68 -13.78 -2.70
C VAL B 44 24.65 -14.95 -2.99
N ILE B 45 25.20 -15.56 -1.94
CA ILE B 45 26.04 -16.74 -2.00
C ILE B 45 25.21 -17.96 -1.71
N PHE B 46 25.17 -18.90 -2.65
CA PHE B 46 24.38 -20.08 -2.52
C PHE B 46 25.14 -21.14 -1.72
N ASP B 47 24.46 -21.81 -0.80
CA ASP B 47 25.07 -22.63 0.21
C ASP B 47 24.10 -23.70 0.68
N GLN B 48 24.22 -24.88 0.10
CA GLN B 48 23.30 -25.98 0.46
C GLN B 48 23.64 -26.64 1.79
N THR B 49 24.73 -26.25 2.45
CA THR B 49 24.99 -26.83 3.76
C THR B 49 24.23 -26.13 4.84
N LEU B 50 23.46 -25.09 4.54
CA LEU B 50 22.52 -24.57 5.56
C LEU B 50 21.41 -25.58 5.87
N GLY B 51 20.95 -26.35 4.90
CA GLY B 51 19.88 -27.32 5.12
C GLY B 51 18.46 -26.79 5.30
N LYS B 52 17.46 -27.65 5.11
CA LYS B 52 16.06 -27.21 5.25
C LYS B 52 15.88 -26.61 6.63
N LEU B 53 15.02 -25.62 6.74
CA LEU B 53 14.87 -24.93 8.00
C LEU B 53 14.18 -25.92 8.95
N ARG B 54 14.65 -26.02 10.18
CA ARG B 54 14.15 -27.05 11.11
C ARG B 54 13.41 -26.36 12.23
N ARG B 55 12.10 -26.61 12.28
CA ARG B 55 11.17 -25.92 13.19
C ARG B 55 10.29 -26.99 13.82
N ASN B 56 9.92 -26.75 15.07
CA ASN B 56 9.07 -27.67 15.81
C ASN B 56 8.28 -26.79 16.75
N TYR B 57 7.18 -26.23 16.25
CA TYR B 57 6.37 -25.29 17.01
C TYR B 57 5.10 -25.93 17.52
N ARG B 58 4.52 -25.30 18.53
CA ARG B 58 3.31 -25.81 19.15
C ARG B 58 2.40 -24.67 19.52
N ALA B 59 1.10 -24.95 19.30
CA ALA B 59 -0.01 -24.12 19.77
C ALA B 59 0.01 -23.91 21.30
N VAL B 60 -0.17 -22.67 21.74
CA VAL B 60 -0.03 -22.32 23.15
C VAL B 60 -0.78 -21.02 23.36
N ASP B 61 -1.00 -20.65 24.63
CA ASP B 61 -1.70 -19.41 24.97
C ASP B 61 -0.89 -18.20 24.57
N ALA B 62 -1.51 -17.20 23.99
CA ALA B 62 -0.82 -15.96 23.70
C ALA B 62 -1.67 -14.75 24.03
N ARG B 63 -0.99 -13.64 24.31
CA ARG B 63 -1.58 -12.32 24.39
C ARG B 63 -1.24 -11.57 23.10
N LEU B 64 -2.24 -11.00 22.43
CA LEU B 64 -1.99 -10.01 21.35
C LEU B 64 -1.70 -8.65 21.98
N ARG B 65 -0.63 -7.98 21.53
CA ARG B 65 -0.29 -6.68 22.03
C ARG B 65 -0.26 -5.60 20.95
N ASN B 66 -0.70 -4.41 21.28
CA ASN B 66 -0.43 -3.26 20.46
C ASN B 66 0.59 -2.46 21.20
N SER B 67 1.78 -2.31 20.63
CA SER B 67 2.82 -1.46 21.21
C SER B 67 2.64 -0.05 20.76
N GLY B 68 1.63 0.20 19.92
CA GLY B 68 1.51 1.47 19.24
C GLY B 68 2.33 1.68 17.98
N HIS B 69 3.47 0.96 17.83
CA HIS B 69 4.29 0.93 16.57
C HIS B 69 4.02 -0.34 15.76
N ASP B 70 3.43 -1.36 16.38
CA ASP B 70 3.04 -2.58 15.68
C ASP B 70 2.09 -3.38 16.53
N VAL B 71 1.42 -4.32 15.88
CA VAL B 71 0.72 -5.38 16.51
C VAL B 71 1.62 -6.62 16.57
N LEU B 72 1.60 -7.32 17.71
CA LEU B 72 2.41 -8.55 17.87
C LEU B 72 1.71 -9.63 18.67
N VAL B 73 2.04 -10.88 18.36
CA VAL B 73 1.62 -12.05 19.10
C VAL B 73 2.73 -12.33 20.11
N ASP B 74 2.32 -12.57 21.38
CA ASP B 74 3.26 -12.82 22.46
C ASP B 74 2.80 -14.09 23.16
N PHE B 75 3.59 -15.15 22.97
CA PHE B 75 3.19 -16.45 23.42
C PHE B 75 3.38 -16.55 24.94
N LYS B 76 2.33 -17.04 25.59
CA LYS B 76 2.24 -17.11 27.05
C LYS B 76 2.25 -18.61 27.24
N GLY B 77 3.45 -19.14 27.46
CA GLY B 77 3.68 -20.57 27.37
C GLY B 77 4.63 -20.82 26.23
N ASN B 78 4.96 -22.10 26.01
CA ASN B 78 6.01 -22.48 25.09
C ASN B 78 5.50 -22.86 23.68
N ALA B 79 5.95 -22.07 22.70
CA ALA B 79 5.44 -22.14 21.34
C ALA B 79 6.25 -23.10 20.49
N GLY B 80 7.42 -23.48 20.96
CA GLY B 80 8.19 -24.50 20.31
C GLY B 80 9.49 -23.83 19.95
N SER B 81 10.23 -24.45 19.06
CA SER B 81 11.53 -23.93 18.74
C SER B 81 11.95 -24.15 17.29
N LEU B 82 13.02 -23.45 16.96
CA LEU B 82 13.64 -23.46 15.66
C LEU B 82 15.03 -23.92 15.92
N SER B 83 15.53 -24.85 15.13
CA SER B 83 16.90 -25.25 15.38
C SER B 83 17.82 -24.72 14.28
N ILE B 84 18.92 -24.03 14.65
CA ILE B 84 19.95 -23.65 13.66
C ILE B 84 21.31 -24.23 14.07
N ASN B 85 21.79 -25.19 13.28
CA ASN B 85 23.01 -25.96 13.56
C ASN B 85 23.28 -26.21 15.05
N ARG B 86 22.50 -27.12 15.65
CA ARG B 86 22.68 -27.44 17.06
C ARG B 86 22.74 -26.13 17.90
N VAL B 87 21.71 -25.30 17.75
CA VAL B 87 21.30 -24.31 18.76
C VAL B 87 19.79 -24.22 18.55
N GLU B 88 19.06 -24.22 19.66
CA GLU B 88 17.63 -24.26 19.66
C GLU B 88 17.16 -22.90 20.16
N TYR B 89 16.29 -22.27 19.40
CA TYR B 89 15.81 -20.94 19.74
C TYR B 89 14.32 -21.10 19.98
N GLN B 90 13.85 -20.64 21.12
CA GLN B 90 12.45 -20.74 21.45
C GLN B 90 11.70 -19.61 20.74
N LEU B 91 10.66 -19.98 19.98
CA LEU B 91 9.71 -19.00 19.47
C LEU B 91 9.00 -18.24 20.59
N LYS B 92 9.33 -16.96 20.71
CA LYS B 92 8.82 -16.05 21.72
C LYS B 92 7.62 -15.19 21.25
N ARG B 93 7.80 -14.52 20.10
CA ARG B 93 6.90 -13.46 19.60
C ARG B 93 6.85 -13.37 18.02
N ILE B 94 5.69 -12.96 17.47
CA ILE B 94 5.50 -12.61 16.04
C ILE B 94 5.08 -11.15 15.86
N HIS B 95 5.94 -10.32 15.27
CA HIS B 95 5.61 -8.92 14.96
C HIS B 95 5.20 -8.70 13.49
N PHE B 96 4.22 -7.82 13.24
CA PHE B 96 3.72 -7.58 11.88
C PHE B 96 4.10 -6.18 11.40
N HIS B 97 4.65 -6.10 10.20
CA HIS B 97 4.93 -4.86 9.58
C HIS B 97 4.17 -4.77 8.21
N SER B 98 3.63 -3.61 7.88
CA SER B 98 3.04 -3.34 6.55
C SER B 98 3.46 -1.94 6.13
N PRO B 99 4.04 -1.73 4.96
CA PRO B 99 4.47 -2.77 4.02
C PRO B 99 5.67 -3.59 4.56
N SER B 100 6.21 -4.50 3.73
CA SER B 100 7.37 -5.28 4.15
C SER B 100 8.56 -4.40 4.44
N GLU B 101 9.47 -4.92 5.22
CA GLU B 101 10.69 -4.21 5.50
C GLU B 101 11.76 -4.66 4.51
N HIS B 102 11.92 -5.98 4.41
CA HIS B 102 12.81 -6.52 3.43
C HIS B 102 12.21 -6.37 2.03
N GLU B 103 13.10 -6.20 1.06
CA GLU B 103 12.76 -6.27 -0.37
C GLU B 103 13.49 -7.47 -0.98
N MET B 104 12.91 -8.04 -2.04
CA MET B 104 13.52 -9.14 -2.77
C MET B 104 13.64 -8.67 -4.21
N ASN B 105 14.87 -8.57 -4.67
CA ASN B 105 15.20 -8.00 -5.98
C ASN B 105 14.48 -6.73 -6.27
N GLY B 106 14.38 -5.86 -5.29
CA GLY B 106 13.87 -4.53 -5.59
C GLY B 106 12.37 -4.45 -5.41
N GLU B 107 11.77 -5.55 -5.08
CA GLU B 107 10.37 -5.54 -4.77
C GLU B 107 10.02 -5.52 -3.25
N ARG B 108 9.05 -4.68 -2.91
CA ARG B 108 8.54 -4.52 -1.57
C ARG B 108 7.21 -5.25 -1.54
N PHE B 109 6.99 -5.99 -0.46
CA PHE B 109 5.77 -6.73 -0.25
C PHE B 109 4.75 -6.04 0.67
N ASP B 110 3.57 -6.64 0.73
CA ASP B 110 2.41 -5.99 1.33
C ASP B 110 2.40 -6.22 2.84
N LEU B 111 3.03 -7.29 3.33
CA LEU B 111 3.16 -7.48 4.77
C LEU B 111 4.43 -8.29 5.04
N GLU B 112 4.98 -8.09 6.23
CA GLU B 112 6.07 -8.95 6.72
C GLU B 112 5.78 -9.39 8.14
N ALA B 113 5.79 -10.71 8.38
CA ALA B 113 5.67 -11.29 9.73
C ALA B 113 7.05 -11.73 10.18
N GLN B 114 7.47 -11.23 11.36
CA GLN B 114 8.79 -11.48 11.93
C GLN B 114 8.68 -12.32 13.18
N LEU B 115 9.06 -13.59 13.07
CA LEU B 115 9.01 -14.54 14.20
C LEU B 115 10.31 -14.44 14.96
N VAL B 116 10.24 -13.89 16.17
CA VAL B 116 11.42 -13.69 17.00
C VAL B 116 11.62 -14.93 17.86
N HIS B 117 12.83 -15.47 17.84
CA HIS B 117 13.18 -16.62 18.70
C HIS B 117 14.38 -16.25 19.59
N GLU B 118 14.49 -16.95 20.73
CA GLU B 118 15.65 -16.79 21.62
C GLU B 118 16.18 -18.14 22.12
N SER B 119 17.50 -18.33 22.20
CA SER B 119 18.04 -19.57 22.81
C SER B 119 18.18 -19.36 24.33
N GLN B 120 18.62 -20.39 25.05
CA GLN B 120 18.86 -20.26 26.52
C GLN B 120 19.95 -19.23 26.73
N ASP B 121 20.95 -19.29 25.86
CA ASP B 121 22.00 -18.27 25.78
C ASP B 121 21.46 -16.84 25.61
N GLN B 122 20.16 -16.71 25.32
CA GLN B 122 19.52 -15.46 24.80
C GLN B 122 20.12 -14.92 23.47
N LYS B 123 20.43 -15.88 22.61
CA LYS B 123 20.79 -15.58 21.25
C LYS B 123 19.47 -15.40 20.53
N ARG B 124 19.41 -14.41 19.64
CA ARG B 124 18.18 -14.08 18.92
C ARG B 124 18.20 -14.48 17.46
N ALA B 125 17.15 -15.14 17.01
CA ALA B 125 17.00 -15.46 15.61
C ALA B 125 15.59 -15.10 15.10
N VAL B 126 15.53 -14.41 13.97
CA VAL B 126 14.23 -13.99 13.36
C VAL B 126 14.01 -14.74 12.08
N VAL B 127 12.79 -15.21 11.89
CA VAL B 127 12.33 -15.83 10.65
C VAL B 127 11.23 -14.88 10.14
N SER B 128 11.44 -14.27 8.95
CA SER B 128 10.45 -13.42 8.24
C SER B 128 9.69 -14.16 7.17
N ILE B 129 8.42 -13.86 7.09
CA ILE B 129 7.53 -14.37 6.05
C ILE B 129 7.15 -13.10 5.35
N LEU B 130 7.24 -13.10 4.02
CA LEU B 130 6.80 -11.98 3.20
C LEU B 130 5.50 -12.39 2.59
N PHE B 131 4.58 -11.42 2.45
CA PHE B 131 3.25 -11.67 1.88
C PHE B 131 2.90 -10.76 0.76
N ARG B 132 2.07 -11.27 -0.13
CA ARG B 132 1.46 -10.49 -1.19
C ARG B 132 -0.06 -10.61 -1.01
N PHE B 133 -0.83 -9.62 -1.45
CA PHE B 133 -2.28 -9.64 -1.28
C PHE B 133 -2.84 -10.78 -2.07
N GLY B 134 -3.83 -11.45 -1.52
CA GLY B 134 -4.31 -12.70 -2.13
C GLY B 134 -5.29 -13.34 -1.17
N ARG B 135 -5.43 -14.65 -1.20
CA ARG B 135 -6.24 -15.28 -0.15
C ARG B 135 -5.75 -14.98 1.26
N ALA B 136 -6.73 -14.87 2.15
CA ALA B 136 -6.48 -14.48 3.52
C ALA B 136 -5.52 -15.43 4.19
N ASP B 137 -4.76 -14.91 5.17
CA ASP B 137 -3.82 -15.73 5.92
C ASP B 137 -4.58 -16.45 7.02
N PRO B 138 -4.49 -17.81 7.09
CA PRO B 138 -5.21 -18.60 8.11
C PRO B 138 -4.75 -18.30 9.52
N PHE B 139 -3.48 -17.95 9.69
CA PHE B 139 -3.00 -17.49 10.97
C PHE B 139 -3.68 -16.23 11.45
N LEU B 140 -3.65 -15.18 10.64
CA LEU B 140 -4.27 -13.92 11.00
C LEU B 140 -5.78 -14.06 11.11
N SER B 141 -6.39 -14.96 10.35
CA SER B 141 -7.85 -15.18 10.42
C SER B 141 -8.27 -15.37 11.87
N ASP B 142 -7.69 -16.38 12.49
CA ASP B 142 -7.99 -16.71 13.87
C ASP B 142 -7.74 -15.54 14.81
N LEU B 143 -7.05 -14.50 14.37
CA LEU B 143 -6.84 -13.32 15.19
C LEU B 143 -7.68 -12.10 14.85
N GLU B 144 -8.53 -12.13 13.83
CA GLU B 144 -9.08 -10.84 13.34
C GLU B 144 -9.89 -10.08 14.37
N ASP B 145 -10.77 -10.79 15.08
CA ASP B 145 -11.65 -10.16 16.05
C ASP B 145 -10.91 -9.63 17.26
N PHE B 146 -9.76 -10.23 17.58
CA PHE B 146 -8.89 -9.66 18.60
C PHE B 146 -8.23 -8.38 18.09
N ILE B 147 -7.77 -8.37 16.84
CA ILE B 147 -7.06 -7.19 16.33
C ILE B 147 -8.08 -6.02 16.18
N LYS B 148 -9.29 -6.34 15.72
CA LYS B 148 -10.40 -5.35 15.63
C LYS B 148 -10.50 -4.50 16.91
N GLN B 149 -10.40 -5.15 18.05
CA GLN B 149 -10.51 -4.44 19.32
C GLN B 149 -9.55 -3.28 19.47
N PHE B 150 -8.35 -3.39 18.88
CA PHE B 150 -7.37 -2.34 19.14
C PHE B 150 -7.83 -1.02 18.54
N SER B 151 -8.65 -1.14 17.52
CA SER B 151 -8.89 -0.02 16.62
C SER B 151 -9.48 1.12 17.39
N ASN B 152 -10.60 0.83 18.05
CA ASN B 152 -11.32 1.87 18.75
C ASN B 152 -10.60 2.32 20.04
N SER B 153 -10.11 1.37 20.83
CA SER B 153 -9.77 1.63 22.21
C SER B 153 -8.32 2.02 22.44
N GLN B 154 -7.99 2.17 23.73
CA GLN B 154 -6.63 2.42 24.19
C GLN B 154 -6.03 1.19 24.85
N LYS B 155 -6.70 0.06 24.81
CA LYS B 155 -6.09 -1.15 25.35
C LYS B 155 -4.94 -1.62 24.45
N ASN B 156 -4.08 -2.44 25.00
CA ASN B 156 -2.85 -2.78 24.32
C ASN B 156 -2.42 -4.20 24.53
N GLU B 157 -3.30 -4.99 25.15
CA GLU B 157 -3.05 -6.37 25.42
C GLU B 157 -4.42 -7.03 25.33
N ILE B 158 -4.47 -8.28 24.87
CA ILE B 158 -5.73 -9.02 24.74
C ILE B 158 -5.42 -10.49 24.88
N ASN B 159 -6.33 -11.22 25.51
CA ASN B 159 -6.12 -12.65 25.69
C ASN B 159 -6.57 -13.42 24.46
N ALA B 160 -5.62 -13.94 23.69
CA ALA B 160 -5.93 -14.52 22.40
C ALA B 160 -6.23 -15.97 22.49
N GLY B 161 -6.27 -16.53 23.68
CA GLY B 161 -6.53 -17.95 23.81
C GLY B 161 -5.35 -18.68 23.23
N VAL B 162 -5.61 -19.83 22.61
CA VAL B 162 -4.52 -20.63 22.09
C VAL B 162 -4.27 -20.30 20.61
N VAL B 163 -3.06 -19.83 20.35
CA VAL B 163 -2.56 -19.50 19.02
C VAL B 163 -1.62 -20.59 18.52
N ASP B 164 -1.81 -20.97 17.28
CA ASP B 164 -1.16 -22.08 16.68
C ASP B 164 -0.10 -21.63 15.60
N PRO B 165 1.18 -21.57 15.96
CA PRO B 165 2.23 -21.20 15.01
C PRO B 165 2.26 -22.03 13.73
N ASN B 166 1.69 -23.22 13.76
CA ASN B 166 1.65 -24.09 12.60
C ASN B 166 0.63 -23.73 11.53
N GLN B 167 -0.23 -22.74 11.77
CA GLN B 167 -1.00 -22.12 10.67
C GLN B 167 -0.19 -21.04 9.85
N LEU B 168 1.05 -20.78 10.25
CA LEU B 168 1.90 -19.80 9.60
C LEU B 168 2.28 -20.33 8.22
N GLN B 169 2.35 -19.46 7.22
CA GLN B 169 2.69 -19.88 5.86
C GLN B 169 4.21 -19.90 5.71
N ILE B 170 4.82 -21.06 5.96
CA ILE B 170 6.24 -21.24 5.95
C ILE B 170 6.60 -22.51 5.24
N ASP B 171 7.37 -22.35 4.19
CA ASP B 171 7.90 -23.45 3.46
C ASP B 171 9.41 -23.49 3.74
N ASP B 172 9.86 -24.53 4.41
CA ASP B 172 11.25 -24.61 4.89
C ASP B 172 12.29 -24.88 3.81
N SER B 173 11.87 -24.99 2.56
CA SER B 173 12.79 -25.47 1.57
C SER B 173 13.72 -24.40 0.98
N ALA B 174 13.45 -23.11 1.26
CA ALA B 174 14.18 -22.00 0.61
C ALA B 174 14.20 -20.73 1.42
N TYR B 175 15.40 -20.16 1.64
CA TYR B 175 15.51 -18.95 2.39
C TYR B 175 16.84 -18.29 2.26
N TYR B 176 16.80 -17.02 2.60
CA TYR B 176 17.95 -16.17 2.71
C TYR B 176 18.44 -16.23 4.20
N ARG B 177 19.77 -16.25 4.42
CA ARG B 177 20.34 -16.20 5.78
C ARG B 177 21.36 -15.10 5.82
N TYR B 178 21.17 -14.13 6.72
CA TYR B 178 22.17 -13.13 6.99
C TYR B 178 22.16 -12.71 8.48
N MET B 179 23.17 -11.97 8.89
CA MET B 179 23.30 -11.48 10.29
C MET B 179 22.96 -10.03 10.26
N GLY B 180 22.05 -9.59 11.16
CA GLY B 180 21.56 -8.22 11.13
C GLY B 180 21.09 -7.78 12.51
N SER B 181 20.04 -6.95 12.50
CA SER B 181 19.54 -6.33 13.77
C SER B 181 18.07 -6.41 13.95
N PHE B 182 17.56 -5.95 15.10
CA PHE B 182 16.12 -5.65 15.26
C PHE B 182 15.80 -4.47 14.40
N THR B 183 14.58 -4.38 13.88
CA THR B 183 14.22 -3.27 12.93
C THR B 183 13.62 -2.03 13.62
N ALA B 184 13.49 -2.09 14.94
CA ALA B 184 12.98 -0.98 15.77
C ALA B 184 13.97 -0.74 16.92
N PRO B 185 14.06 0.50 17.43
CA PRO B 185 14.94 0.72 18.60
C PRO B 185 14.73 -0.37 19.64
N PRO B 186 15.80 -0.80 20.29
CA PRO B 186 17.11 -0.13 20.19
C PRO B 186 17.99 -0.66 19.03
N CYS B 187 17.44 -1.56 18.19
CA CYS B 187 18.13 -1.95 16.92
C CYS B 187 19.38 -2.82 17.23
N THR B 188 19.28 -3.66 18.23
CA THR B 188 20.45 -4.39 18.72
C THR B 188 20.87 -5.41 17.64
N GLU B 189 22.19 -5.52 17.41
CA GLU B 189 22.75 -6.36 16.35
C GLU B 189 22.98 -7.76 16.83
N GLY B 190 23.69 -8.58 16.05
CA GLY B 190 23.90 -9.96 16.44
C GLY B 190 22.72 -10.86 16.18
N ILE B 191 21.70 -10.39 15.44
CA ILE B 191 20.48 -11.16 15.21
C ILE B 191 20.66 -12.00 13.95
N SER B 192 20.28 -13.28 14.04
CA SER B 192 20.36 -14.11 12.87
C SER B 192 19.02 -13.88 12.17
N TRP B 193 19.08 -13.57 10.89
CA TRP B 193 17.87 -13.43 10.06
C TRP B 193 17.77 -14.56 8.99
N THR B 194 16.60 -15.14 8.89
CA THR B 194 16.20 -16.08 7.88
C THR B 194 14.95 -15.44 7.28
N VAL B 195 14.97 -15.07 5.99
CA VAL B 195 13.80 -14.62 5.22
C VAL B 195 13.38 -15.66 4.19
N MET B 196 12.14 -16.13 4.30
CA MET B 196 11.74 -17.26 3.51
C MET B 196 11.57 -16.74 2.07
N ARG B 197 11.90 -17.57 1.12
CA ARG B 197 11.72 -17.23 -0.26
C ARG B 197 10.25 -17.23 -0.78
N LYS B 198 9.52 -18.28 -0.45
CA LYS B 198 8.15 -18.45 -0.89
C LYS B 198 7.30 -17.34 -0.30
N VAL B 199 6.63 -16.59 -1.15
CA VAL B 199 5.83 -15.49 -0.68
C VAL B 199 4.44 -15.97 -0.29
N ALA B 200 3.98 -15.55 0.89
CA ALA B 200 2.67 -15.95 1.36
C ALA B 200 1.59 -14.99 0.87
N THR B 201 0.32 -15.30 1.15
CA THR B 201 -0.76 -14.37 0.84
C THR B 201 -1.49 -13.90 2.11
N VAL B 202 -1.93 -12.65 2.05
CA VAL B 202 -2.68 -11.99 3.10
C VAL B 202 -3.80 -11.19 2.44
N SER B 203 -4.98 -11.02 3.05
CA SER B 203 -6.05 -10.26 2.37
C SER B 203 -5.88 -8.78 2.65
N PRO B 204 -6.41 -7.89 1.78
CA PRO B 204 -6.37 -6.48 2.11
C PRO B 204 -7.04 -6.13 3.45
N ARG B 205 -8.13 -6.78 3.77
CA ARG B 205 -8.84 -6.55 5.08
C ARG B 205 -7.95 -6.84 6.27
N GLN B 206 -7.15 -7.88 6.20
CA GLN B 206 -6.29 -8.22 7.35
C GLN B 206 -5.23 -7.16 7.56
N VAL B 207 -4.68 -6.66 6.45
CA VAL B 207 -3.64 -5.65 6.58
C VAL B 207 -4.28 -4.38 7.10
N LEU B 208 -5.45 -4.10 6.65
CA LEU B 208 -6.16 -2.91 7.08
C LEU B 208 -6.44 -2.99 8.59
N LEU B 209 -6.94 -4.13 9.07
CA LEU B 209 -7.16 -4.35 10.52
C LEU B 209 -5.91 -4.03 11.34
N LEU B 210 -4.78 -4.60 10.90
CA LEU B 210 -3.49 -4.28 11.50
C LEU B 210 -3.18 -2.80 11.45
N LYS B 211 -3.32 -2.15 10.29
CA LYS B 211 -2.87 -0.74 10.19
C LYS B 211 -3.71 0.24 11.04
N GLN B 212 -4.95 -0.12 11.32
CA GLN B 212 -5.85 0.78 12.05
C GLN B 212 -5.73 0.59 13.59
N ALA B 213 -5.11 -0.52 14.00
CA ALA B 213 -4.73 -0.76 15.38
C ALA B 213 -3.71 0.23 15.91
N VAL B 214 -2.84 0.72 15.05
CA VAL B 214 -1.61 1.31 15.50
C VAL B 214 -1.71 2.84 15.51
N ASN B 215 -0.72 3.53 16.10
CA ASN B 215 -0.64 5.00 16.04
C ASN B 215 -0.40 5.52 14.63
N GLU B 216 -0.71 6.80 14.47
CA GLU B 216 -0.77 7.43 13.18
C GLU B 216 0.58 7.39 12.53
N ASN B 217 1.61 7.52 13.33
CA ASN B 217 2.92 7.62 12.79
C ASN B 217 3.52 6.23 12.48
N ALA B 218 2.72 5.20 12.67
CA ALA B 218 3.15 3.86 12.39
C ALA B 218 2.20 3.15 11.40
N ILE B 219 1.26 3.88 10.77
CA ILE B 219 0.29 3.31 9.80
C ILE B 219 1.07 2.54 8.73
N ASN B 220 2.14 3.13 8.23
CA ASN B 220 3.19 2.36 7.59
C ASN B 220 4.35 2.18 8.56
N ASN B 221 4.58 0.93 9.01
CA ASN B 221 5.61 0.67 10.01
C ASN B 221 6.81 -0.13 9.55
N ALA B 222 7.27 0.20 8.34
CA ALA B 222 8.45 -0.43 7.78
C ALA B 222 9.67 0.47 7.96
N ARG B 223 10.73 -0.02 8.61
CA ARG B 223 11.96 0.74 8.54
C ARG B 223 12.57 0.71 7.09
N PRO B 224 13.07 1.86 6.61
CA PRO B 224 13.73 1.91 5.32
C PRO B 224 14.96 0.96 5.26
N LEU B 225 15.30 0.56 4.03
CA LEU B 225 16.40 -0.36 3.78
C LEU B 225 17.74 0.17 4.28
N GLN B 226 18.52 -0.72 4.87
CA GLN B 226 19.84 -0.34 5.42
C GLN B 226 20.96 -0.89 4.53
N PRO B 227 22.15 -0.21 4.46
CA PRO B 227 23.30 -0.77 3.70
C PRO B 227 23.78 -2.14 4.25
N THR B 228 24.14 -3.04 3.32
CA THR B 228 24.63 -4.37 3.66
C THR B 228 26.06 -4.23 4.16
N ASN B 229 26.81 -3.23 3.70
CA ASN B 229 28.17 -2.92 4.27
C ASN B 229 29.12 -4.12 4.12
N PHE B 230 29.57 -4.71 5.23
CA PHE B 230 30.56 -5.78 5.18
C PHE B 230 29.95 -7.16 5.14
N ARG B 231 28.62 -7.25 4.96
CA ARG B 231 27.98 -8.54 5.14
C ARG B 231 27.76 -9.30 3.82
N SER B 232 27.89 -10.59 3.86
CA SER B 232 27.46 -11.35 2.74
C SER B 232 26.10 -11.94 3.14
N VAL B 233 25.27 -12.22 2.14
CA VAL B 233 23.97 -12.79 2.32
C VAL B 233 23.95 -14.18 1.69
N PHE B 234 23.58 -15.19 2.48
CA PHE B 234 23.53 -16.58 1.99
C PHE B 234 22.13 -16.93 1.54
N TYR B 235 22.05 -17.92 0.67
CA TYR B 235 20.79 -18.39 0.18
C TYR B 235 20.81 -19.88 0.21
N PHE B 236 19.81 -20.47 0.83
CA PHE B 236 19.61 -21.90 0.74
C PHE B 236 18.40 -22.28 -0.08
N GLU B 237 18.51 -23.40 -0.82
CA GLU B 237 17.34 -23.98 -1.46
C GLU B 237 17.57 -25.50 -1.55
N GLN B 238 16.52 -26.26 -1.32
CA GLN B 238 16.54 -27.74 -1.38
C GLN B 238 16.52 -28.26 -2.82
N LEU B 239 17.69 -28.63 -3.36
CA LEU B 239 17.80 -29.01 -4.79
C LEU B 239 17.50 -30.49 -5.03
#